data_8VRR
#
_entry.id   8VRR
#
_cell.length_a   51.592
_cell.length_b   112.795
_cell.length_c   150.668
_cell.angle_alpha   90.000
_cell.angle_beta   90.000
_cell.angle_gamma   90.000
#
_symmetry.space_group_name_H-M   'I 21 21 21'
#
loop_
_entity.id
_entity.type
_entity.pdbx_description
1 polymer '4H11 scFv chain'
2 water water
#
_entity_poly.entity_id   1
_entity_poly.type   'polypeptide(L)'
_entity_poly.pdbx_seq_one_letter_code
;DIELTQSPSSLAVSAGERVTMNCKSSQSLLNSRTRKNQLAWYQQKPGQSPELLIYWASTRQSGVPDRFSGSGSGTDFTLT
ISSVQAEDVAVYYCQQSYNLLTFGPGTKLEIKRGGGGSGGGGSGGGGSGGGGSGGGGSEVKLQESGGGFVKPGGSLRVSC
AASGFTFSSYAMSWVRLAPEMRLEWVATISSAGGYIFYSDSVQGRFTISRDNAKNSLHLQMGSLRSGDTAMYYCARQGFG
NYGDYYAMDYWGQGTTVTVSS
;
_entity_poly.pdbx_strand_id   A
#
# COMPACT_ATOMS: atom_id res chain seq x y z
N ASP A 1 -9.73 -14.08 -5.17
CA ASP A 1 -9.98 -13.91 -3.75
C ASP A 1 -8.83 -14.46 -2.93
N ILE A 2 -7.70 -13.78 -2.96
CA ILE A 2 -6.45 -14.31 -2.46
C ILE A 2 -6.17 -13.79 -1.06
N GLU A 3 -5.77 -14.70 -0.17
CA GLU A 3 -5.46 -14.38 1.21
C GLU A 3 -3.97 -14.55 1.44
N LEU A 4 -3.31 -13.49 1.92
CA LEU A 4 -1.90 -13.55 2.26
C LEU A 4 -1.74 -13.63 3.77
N THR A 5 -0.88 -14.54 4.21
CA THR A 5 -0.49 -14.62 5.60
C THR A 5 0.98 -14.25 5.73
N GLN A 6 1.33 -13.64 6.85
CA GLN A 6 2.70 -13.22 7.09
C GLN A 6 3.18 -13.79 8.42
N SER A 7 4.47 -14.09 8.48
CA SER A 7 4.99 -14.64 9.72
C SER A 7 6.48 -14.43 9.83
N PRO A 8 7.01 -14.11 11.01
CA PRO A 8 6.18 -13.97 12.20
C PRO A 8 5.41 -12.65 12.20
N SER A 9 4.27 -12.60 12.90
CA SER A 9 3.56 -11.35 13.13
C SER A 9 4.47 -10.31 13.76
N SER A 10 5.40 -10.74 14.61
CA SER A 10 6.18 -9.82 15.42
C SER A 10 7.49 -10.49 15.81
N LEU A 11 8.59 -9.74 15.83
CA LEU A 11 9.79 -10.22 16.48
C LEU A 11 10.71 -9.06 16.82
N ALA A 12 11.53 -9.29 17.84
CA ALA A 12 12.54 -8.37 18.34
C ALA A 12 13.90 -9.02 18.20
N VAL A 13 14.87 -8.25 17.72
CA VAL A 13 16.25 -8.70 17.58
C VAL A 13 17.17 -7.53 17.94
N SER A 14 18.47 -7.77 17.80
CA SER A 14 19.48 -6.78 18.11
C SER A 14 20.05 -6.19 16.83
N ALA A 15 20.54 -4.96 16.94
CA ALA A 15 21.16 -4.30 15.80
C ALA A 15 22.23 -5.21 15.19
N GLY A 16 22.18 -5.36 13.87
CA GLY A 16 23.17 -6.09 13.13
C GLY A 16 22.79 -7.52 12.80
N GLU A 17 21.76 -8.06 13.45
CA GLU A 17 21.34 -9.41 13.11
C GLU A 17 20.66 -9.46 11.75
N ARG A 18 20.69 -10.64 11.13
CA ARG A 18 19.86 -10.89 9.96
C ARG A 18 18.47 -11.30 10.39
N VAL A 19 17.47 -10.86 9.63
CA VAL A 19 16.09 -11.29 9.84
C VAL A 19 15.52 -11.74 8.51
N THR A 20 14.61 -12.70 8.57
CA THR A 20 13.84 -13.10 7.40
C THR A 20 12.37 -13.10 7.78
N MET A 21 11.55 -12.47 6.96
CA MET A 21 10.12 -12.42 7.17
C MET A 21 9.47 -13.12 5.99
N ASN A 22 8.43 -13.88 6.26
CA ASN A 22 7.79 -14.69 5.25
C ASN A 22 6.39 -14.19 4.91
N CYS A 23 5.97 -14.52 3.70
CA CYS A 23 4.69 -14.13 3.16
C CYS A 23 4.21 -15.32 2.33
N LYS A 24 3.12 -15.96 2.77
CA LYS A 24 2.56 -17.10 2.06
C LYS A 24 1.24 -16.69 1.40
N SER A 25 1.11 -17.01 0.11
CA SER A 25 -0.06 -16.66 -0.67
C SER A 25 -0.94 -17.90 -0.86
N SER A 26 -2.23 -17.75 -0.59
CA SER A 26 -3.16 -18.86 -0.69
C SER A 26 -3.29 -19.38 -2.12
N GLN A 27 -2.62 -18.72 -3.06
CA GLN A 27 -2.74 -19.01 -4.49
C GLN A 27 -1.51 -18.43 -5.18
N SER A 28 -1.06 -19.11 -6.22
CA SER A 28 0.18 -18.70 -6.86
C SER A 28 0.04 -17.31 -7.46
N LEU A 29 1.08 -16.49 -7.31
CA LEU A 29 1.11 -15.11 -7.78
C LEU A 29 1.92 -14.95 -9.04
N LEU A 30 2.49 -16.03 -9.57
CA LEU A 30 3.29 -15.92 -10.78
C LEU A 30 2.36 -15.84 -11.97
N ASN A 31 2.45 -14.74 -12.70
CA ASN A 31 1.58 -14.50 -13.84
C ASN A 31 2.34 -14.95 -15.08
N SER A 32 1.74 -15.88 -15.81
CA SER A 32 2.45 -16.52 -16.91
C SER A 32 2.55 -15.61 -18.13
N ARG A 33 1.62 -14.68 -18.29
CA ARG A 33 1.73 -13.77 -19.41
C ARG A 33 2.89 -12.79 -19.21
N THR A 34 3.10 -12.32 -17.98
CA THR A 34 4.08 -11.28 -17.73
C THR A 34 5.43 -11.77 -17.20
N ARG A 35 5.53 -13.01 -16.72
CA ARG A 35 6.78 -13.62 -16.25
C ARG A 35 7.12 -13.17 -14.84
N LYS A 36 6.19 -12.59 -14.08
CA LYS A 36 6.54 -11.92 -12.84
C LYS A 36 5.63 -12.39 -11.71
N ASN A 37 6.19 -12.42 -10.51
CA ASN A 37 5.42 -12.71 -9.30
C ASN A 37 4.87 -11.38 -8.79
N GLN A 38 3.55 -11.20 -8.89
CA GLN A 38 2.92 -9.93 -8.55
C GLN A 38 2.83 -9.81 -7.02
N LEU A 39 3.99 -9.56 -6.43
CA LEU A 39 4.13 -9.48 -4.99
C LEU A 39 5.10 -8.38 -4.66
N ALA A 40 4.69 -7.47 -3.78
CA ALA A 40 5.54 -6.37 -3.39
C ALA A 40 5.67 -6.35 -1.87
N TRP A 41 6.64 -5.60 -1.37
CA TRP A 41 6.88 -5.49 0.07
C TRP A 41 6.96 -4.02 0.45
N TYR A 42 6.31 -3.66 1.54
CA TYR A 42 6.33 -2.30 2.03
C TYR A 42 6.85 -2.24 3.46
N GLN A 43 7.52 -1.14 3.77
CA GLN A 43 7.90 -0.79 5.12
C GLN A 43 7.08 0.44 5.54
N GLN A 44 6.43 0.35 6.69
CA GLN A 44 5.72 1.50 7.26
C GLN A 44 6.20 1.70 8.69
N LYS A 45 6.85 2.82 8.95
CA LYS A 45 7.20 3.24 10.30
C LYS A 45 6.05 4.02 10.92
N PRO A 46 5.95 4.07 12.25
CA PRO A 46 4.80 4.75 12.85
C PRO A 46 4.84 6.23 12.54
N GLY A 47 3.67 6.79 12.25
CA GLY A 47 3.55 8.18 11.89
C GLY A 47 3.88 8.51 10.45
N GLN A 48 4.20 7.51 9.60
CA GLN A 48 4.52 7.74 8.21
C GLN A 48 3.70 6.82 7.32
N SER A 49 3.68 7.16 6.04
CA SER A 49 3.06 6.32 5.03
C SER A 49 3.95 5.15 4.65
N PRO A 50 3.37 4.04 4.15
CA PRO A 50 4.20 2.94 3.65
C PRO A 50 5.20 3.43 2.60
N GLU A 51 6.31 2.70 2.50
CA GLU A 51 7.31 2.95 1.47
C GLU A 51 7.59 1.66 0.73
N LEU A 52 7.66 1.74 -0.60
CA LEU A 52 7.87 0.55 -1.40
C LEU A 52 9.31 0.06 -1.26
N LEU A 53 9.46 -1.20 -0.86
CA LEU A 53 10.78 -1.83 -0.75
C LEU A 53 11.10 -2.67 -1.99
N ILE A 54 10.25 -3.66 -2.29
CA ILE A 54 10.49 -4.58 -3.39
C ILE A 54 9.18 -4.81 -4.14
N TYR A 55 9.30 -5.02 -5.46
CA TYR A 55 8.20 -5.50 -6.27
C TYR A 55 8.71 -6.63 -7.15
N TRP A 56 7.77 -7.29 -7.84
CA TRP A 56 8.03 -8.51 -8.61
C TRP A 56 8.80 -9.53 -7.79
N ALA A 57 8.50 -9.60 -6.49
CA ALA A 57 9.12 -10.53 -5.53
C ALA A 57 10.59 -10.22 -5.25
N SER A 58 11.34 -9.74 -6.26
CA SER A 58 12.78 -9.68 -6.10
C SER A 58 13.43 -8.37 -6.55
N THR A 59 12.71 -7.46 -7.20
CA THR A 59 13.34 -6.26 -7.74
C THR A 59 13.32 -5.16 -6.67
N ARG A 60 14.49 -4.73 -6.25
CA ARG A 60 14.58 -3.69 -5.24
C ARG A 60 14.19 -2.33 -5.84
N GLN A 61 13.43 -1.57 -5.09
CA GLN A 61 13.05 -0.26 -5.58
C GLN A 61 14.23 0.70 -5.50
N SER A 62 14.27 1.65 -6.44
CA SER A 62 15.31 2.67 -6.44
C SER A 62 15.40 3.38 -5.10
N GLY A 63 16.62 3.55 -4.62
CA GLY A 63 16.87 4.28 -3.39
C GLY A 63 16.78 3.46 -2.12
N VAL A 64 16.41 2.19 -2.20
CA VAL A 64 16.33 1.35 -1.02
C VAL A 64 17.71 0.78 -0.75
N PRO A 65 18.22 0.84 0.49
CA PRO A 65 19.54 0.27 0.76
C PRO A 65 19.56 -1.23 0.47
N ASP A 66 20.70 -1.70 -0.03
CA ASP A 66 20.77 -3.07 -0.53
C ASP A 66 20.81 -4.11 0.59
N ARG A 67 20.79 -3.69 1.85
CA ARG A 67 20.57 -4.64 2.93
C ARG A 67 19.18 -5.28 2.85
N PHE A 68 18.31 -4.76 1.99
CA PHE A 68 16.98 -5.31 1.77
C PHE A 68 16.98 -6.15 0.49
N SER A 69 16.50 -7.38 0.60
CA SER A 69 16.34 -8.21 -0.59
C SER A 69 15.07 -9.04 -0.47
N GLY A 70 14.50 -9.39 -1.62
CA GLY A 70 13.28 -10.18 -1.66
C GLY A 70 13.53 -11.47 -2.42
N SER A 71 12.85 -12.54 -1.99
CA SER A 71 13.03 -13.83 -2.61
C SER A 71 11.69 -14.56 -2.66
N GLY A 72 11.65 -15.58 -3.50
CA GLY A 72 10.52 -16.49 -3.54
C GLY A 72 9.78 -16.39 -4.86
N SER A 73 8.88 -17.35 -5.04
CA SER A 73 8.13 -17.44 -6.28
C SER A 73 6.95 -18.36 -6.03
N GLY A 74 5.85 -18.07 -6.72
CA GLY A 74 4.66 -18.87 -6.56
C GLY A 74 3.84 -18.52 -5.34
N THR A 75 3.98 -19.33 -4.28
CA THR A 75 3.15 -19.17 -3.10
C THR A 75 3.92 -18.77 -1.85
N ASP A 76 5.25 -18.89 -1.83
CA ASP A 76 6.05 -18.61 -0.64
C ASP A 76 7.13 -17.57 -0.94
N PHE A 77 7.12 -16.47 -0.18
CA PHE A 77 8.00 -15.34 -0.43
C PHE A 77 8.70 -14.95 0.87
N THR A 78 9.80 -14.23 0.72
CA THR A 78 10.61 -13.88 1.88
C THR A 78 11.24 -12.52 1.64
N LEU A 79 11.26 -11.71 2.69
CA LEU A 79 12.03 -10.47 2.72
C LEU A 79 13.09 -10.63 3.80
N THR A 80 14.33 -10.32 3.45
CA THR A 80 15.40 -10.39 4.42
C THR A 80 16.13 -9.06 4.48
N ILE A 81 16.57 -8.74 5.69
CA ILE A 81 17.44 -7.62 5.97
C ILE A 81 18.75 -8.18 6.50
N SER A 82 19.83 -7.91 5.78
CA SER A 82 21.17 -8.36 6.19
C SER A 82 21.77 -7.29 7.10
N SER A 83 21.88 -7.60 8.39
CA SER A 83 22.32 -6.64 9.40
C SER A 83 21.30 -5.50 9.57
N VAL A 84 20.28 -5.74 10.40
CA VAL A 84 19.25 -4.74 10.63
C VAL A 84 19.82 -3.54 11.37
N GLN A 85 19.19 -2.41 11.20
CA GLN A 85 19.64 -1.17 11.81
C GLN A 85 18.49 -0.55 12.59
N ALA A 86 18.83 0.45 13.41
CA ALA A 86 17.84 1.05 14.28
C ALA A 86 16.71 1.68 13.48
N GLU A 87 17.05 2.33 12.38
CA GLU A 87 16.04 2.93 11.51
C GLU A 87 15.23 1.90 10.73
N ASP A 88 15.46 0.60 10.92
CA ASP A 88 14.67 -0.43 10.27
C ASP A 88 13.48 -0.89 11.08
N VAL A 89 13.20 -0.28 12.24
CA VAL A 89 12.01 -0.63 12.99
C VAL A 89 10.78 -0.08 12.29
N ALA A 90 9.81 -0.95 12.05
CA ALA A 90 8.63 -0.66 11.24
C ALA A 90 7.78 -1.92 11.17
N VAL A 91 6.59 -1.77 10.61
CA VAL A 91 5.79 -2.93 10.22
C VAL A 91 5.99 -3.16 8.73
N TYR A 92 6.22 -4.42 8.36
CA TYR A 92 6.50 -4.84 6.99
C TYR A 92 5.31 -5.63 6.45
N TYR A 93 4.81 -5.22 5.29
CA TYR A 93 3.65 -5.82 4.66
C TYR A 93 4.01 -6.34 3.27
N CYS A 94 3.49 -7.51 2.93
CA CYS A 94 3.55 -7.96 1.55
C CYS A 94 2.21 -7.71 0.87
N GLN A 95 2.24 -7.58 -0.45
CA GLN A 95 1.06 -7.11 -1.16
C GLN A 95 1.01 -7.73 -2.55
N GLN A 96 -0.07 -8.45 -2.84
CA GLN A 96 -0.22 -9.10 -4.13
C GLN A 96 -1.20 -8.32 -5.00
N SER A 97 -0.92 -8.34 -6.30
CA SER A 97 -1.78 -7.74 -7.31
C SER A 97 -2.19 -8.77 -8.36
N TYR A 98 -2.14 -10.06 -8.01
CA TYR A 98 -2.45 -11.09 -8.99
C TYR A 98 -3.92 -11.07 -9.37
N ASN A 99 -4.82 -10.98 -8.37
CA ASN A 99 -6.24 -10.94 -8.67
C ASN A 99 -6.83 -9.55 -8.44
N LEU A 100 -6.80 -9.05 -7.20
CA LEU A 100 -7.18 -7.66 -7.04
C LEU A 100 -5.98 -6.96 -6.44
N LEU A 101 -6.15 -6.33 -5.28
CA LEU A 101 -5.02 -5.72 -4.56
C LEU A 101 -5.23 -5.96 -3.08
N THR A 102 -4.43 -6.84 -2.50
CA THR A 102 -4.63 -7.31 -1.14
C THR A 102 -3.27 -7.33 -0.43
N PHE A 103 -3.28 -7.07 0.88
CA PHE A 103 -2.06 -7.05 1.70
C PHE A 103 -2.08 -8.18 2.72
N GLY A 104 -0.89 -8.61 3.12
CA GLY A 104 -0.75 -9.50 4.24
C GLY A 104 -0.98 -8.77 5.55
N PRO A 105 -1.01 -9.50 6.67
CA PRO A 105 -1.30 -8.87 7.97
C PRO A 105 -0.13 -8.10 8.58
N GLY A 106 1.06 -8.16 8.00
CA GLY A 106 2.17 -7.40 8.52
C GLY A 106 3.06 -8.13 9.54
N THR A 107 4.34 -7.80 9.50
CA THR A 107 5.33 -8.27 10.47
C THR A 107 5.88 -7.04 11.17
N LYS A 108 5.65 -6.95 12.47
CA LYS A 108 6.19 -5.86 13.27
C LYS A 108 7.57 -6.28 13.73
N LEU A 109 8.59 -5.52 13.33
CA LEU A 109 9.98 -5.83 13.67
C LEU A 109 10.46 -4.76 14.63
N GLU A 110 10.88 -5.17 15.81
CA GLU A 110 11.45 -4.29 16.82
C GLU A 110 12.94 -4.56 16.98
N ILE A 111 13.66 -3.60 17.51
CA ILE A 111 15.04 -3.75 17.85
C ILE A 111 15.10 -3.68 19.36
N LYS A 112 15.65 -4.70 19.98
CA LYS A 112 15.69 -4.72 21.40
C LYS A 112 16.81 -3.95 21.84
N ARG A 113 16.60 -2.98 22.71
CA ARG A 113 17.68 -2.18 23.24
C ARG A 113 17.96 -2.51 24.68
N GLU A 139 11.17 15.21 -6.00
CA GLU A 139 10.24 16.28 -5.65
C GLU A 139 8.81 15.84 -5.94
N VAL A 140 8.61 14.53 -6.08
CA VAL A 140 7.25 14.01 -6.14
C VAL A 140 6.55 14.30 -4.82
N LYS A 141 5.36 14.89 -4.90
CA LYS A 141 4.59 15.27 -3.73
C LYS A 141 3.14 14.85 -3.92
N LEU A 142 2.55 14.29 -2.87
CA LEU A 142 1.12 14.00 -2.82
C LEU A 142 0.61 14.51 -1.47
N GLN A 143 0.08 15.72 -1.44
CA GLN A 143 -0.39 16.29 -0.19
C GLN A 143 -1.90 16.12 -0.08
N GLU A 144 -2.34 15.50 1.01
CA GLU A 144 -3.73 15.13 1.21
C GLU A 144 -4.44 16.16 2.08
N SER A 145 -5.77 16.07 2.07
CA SER A 145 -6.62 17.04 2.75
C SER A 145 -8.01 16.46 2.91
N GLY A 146 -8.69 16.86 3.98
CA GLY A 146 -10.11 16.60 4.11
C GLY A 146 -10.56 15.38 4.89
N GLY A 147 -9.93 15.06 6.00
CA GLY A 147 -10.48 13.97 6.79
C GLY A 147 -11.53 14.43 7.78
N GLY A 148 -11.42 14.02 9.05
CA GLY A 148 -12.27 14.51 10.13
C GLY A 148 -13.26 13.45 10.63
N PHE A 149 -14.11 13.91 11.55
CA PHE A 149 -15.12 13.08 12.22
C PHE A 149 -16.46 13.17 11.50
N VAL A 150 -17.20 12.05 11.49
CA VAL A 150 -18.58 12.00 11.01
C VAL A 150 -19.27 10.87 11.75
N LYS A 151 -20.60 10.91 11.77
CA LYS A 151 -21.41 9.84 12.33
C LYS A 151 -21.89 8.88 11.26
N PRO A 152 -22.22 7.65 11.67
CA PRO A 152 -22.71 6.67 10.70
C PRO A 152 -23.81 7.24 9.82
N GLY A 153 -23.65 7.08 8.52
CA GLY A 153 -24.55 7.64 7.56
C GLY A 153 -24.04 8.90 6.88
N GLY A 154 -23.04 9.57 7.47
CA GLY A 154 -22.56 10.81 6.94
C GLY A 154 -21.65 10.62 5.73
N SER A 155 -21.07 11.74 5.28
CA SER A 155 -20.24 11.75 4.10
C SER A 155 -19.00 12.57 4.34
N LEU A 156 -17.90 12.18 3.69
CA LEU A 156 -16.69 12.99 3.67
C LEU A 156 -15.97 12.82 2.34
N ARG A 157 -15.02 13.72 2.10
CA ARG A 157 -14.30 13.79 0.84
C ARG A 157 -12.83 13.99 1.17
N VAL A 158 -12.02 12.92 1.06
CA VAL A 158 -10.58 13.08 1.15
C VAL A 158 -10.07 13.38 -0.25
N SER A 159 -8.99 14.13 -0.33
CA SER A 159 -8.45 14.56 -1.61
C SER A 159 -6.94 14.55 -1.59
N CYS A 160 -6.37 14.55 -2.79
CA CYS A 160 -4.95 14.34 -3.01
C CYS A 160 -4.49 15.30 -4.09
N ALA A 161 -3.64 16.25 -3.73
CA ALA A 161 -3.03 17.15 -4.71
C ALA A 161 -1.67 16.61 -5.11
N ALA A 162 -1.41 16.56 -6.41
CA ALA A 162 -0.19 15.98 -6.96
C ALA A 162 0.70 17.06 -7.55
N SER A 163 2.00 16.90 -7.33
CA SER A 163 2.99 17.81 -7.89
C SER A 163 4.31 17.07 -8.00
N GLY A 164 5.17 17.54 -8.91
CA GLY A 164 6.50 16.99 -9.07
C GLY A 164 6.65 15.85 -10.04
N PHE A 165 5.63 15.56 -10.85
CA PHE A 165 5.67 14.48 -11.82
C PHE A 165 4.46 14.64 -12.72
N THR A 166 4.42 13.85 -13.79
CA THR A 166 3.30 13.90 -14.75
C THR A 166 2.13 13.11 -14.18
N PHE A 167 1.19 13.81 -13.54
CA PHE A 167 0.05 13.16 -12.91
C PHE A 167 -0.73 12.28 -13.88
N SER A 168 -0.92 12.75 -15.11
CA SER A 168 -1.82 12.10 -16.04
C SER A 168 -1.25 10.80 -16.64
N SER A 169 -0.04 10.40 -16.25
CA SER A 169 0.57 9.15 -16.69
C SER A 169 0.38 7.98 -15.73
N TYR A 170 0.05 8.25 -14.47
CA TYR A 170 -0.02 7.20 -13.46
C TYR A 170 -1.47 6.90 -13.12
N ALA A 171 -1.77 5.63 -12.95
CA ALA A 171 -2.97 5.26 -12.24
C ALA A 171 -2.78 5.57 -10.77
N MET A 172 -3.87 5.94 -10.10
CA MET A 172 -3.85 6.38 -8.72
C MET A 172 -4.81 5.53 -7.90
N SER A 173 -4.46 5.37 -6.61
CA SER A 173 -5.19 4.45 -5.73
C SER A 173 -5.39 5.06 -4.35
N TRP A 174 -6.48 4.65 -3.71
CA TRP A 174 -6.75 4.94 -2.31
C TRP A 174 -6.68 3.64 -1.52
N VAL A 175 -5.82 3.59 -0.53
CA VAL A 175 -5.76 2.47 0.40
C VAL A 175 -5.74 3.03 1.81
N ARG A 176 -6.39 2.33 2.73
CA ARG A 176 -6.54 2.80 4.09
C ARG A 176 -5.86 1.86 5.07
N LEU A 177 -5.61 2.37 6.27
CA LEU A 177 -5.05 1.60 7.37
C LEU A 177 -6.07 1.63 8.52
N ALA A 178 -6.84 0.55 8.66
CA ALA A 178 -7.79 0.47 9.75
C ALA A 178 -7.03 0.25 11.06
N PRO A 179 -7.61 0.63 12.20
CA PRO A 179 -6.83 0.63 13.45
C PRO A 179 -6.12 -0.68 13.74
N GLU A 180 -6.78 -1.74 13.42
CA GLU A 180 -6.27 -3.03 13.67
C GLU A 180 -4.96 -3.42 13.06
N MET A 181 -4.18 -2.49 12.57
CA MET A 181 -2.93 -2.63 11.84
C MET A 181 -3.08 -3.10 10.40
N ARG A 182 -4.27 -3.26 9.82
CA ARG A 182 -4.28 -3.67 8.43
C ARG A 182 -4.61 -2.78 7.26
N LEU A 183 -3.75 -2.81 6.27
CA LEU A 183 -3.91 -2.06 5.07
C LEU A 183 -4.93 -2.66 4.24
N GLU A 184 -5.69 -1.87 3.57
CA GLU A 184 -6.77 -2.38 2.72
C GLU A 184 -6.97 -1.44 1.53
N TRP A 185 -6.82 -1.98 0.32
CA TRP A 185 -7.11 -1.20 -0.89
C TRP A 185 -8.62 -1.00 -1.03
N VAL A 186 -9.03 0.20 -1.47
CA VAL A 186 -10.46 0.47 -1.59
C VAL A 186 -10.83 0.92 -3.01
N ALA A 187 -9.95 1.65 -3.69
CA ALA A 187 -10.31 2.15 -5.02
C ALA A 187 -9.07 2.50 -5.84
N THR A 188 -9.25 2.43 -7.17
CA THR A 188 -8.21 2.73 -8.15
C THR A 188 -8.86 3.38 -9.35
N ILE A 189 -8.24 4.43 -9.87
CA ILE A 189 -8.67 5.08 -11.11
C ILE A 189 -7.48 5.12 -12.06
N SER A 190 -7.75 4.88 -13.34
CA SER A 190 -6.68 4.75 -14.31
C SER A 190 -6.11 6.12 -14.70
N SER A 191 -4.95 6.05 -15.34
CA SER A 191 -4.16 7.22 -15.72
C SER A 191 -5.00 8.31 -16.38
N ALA A 192 -5.65 8.02 -17.51
CA ALA A 192 -6.52 9.00 -18.14
C ALA A 192 -7.90 9.09 -17.49
N GLY A 193 -8.18 8.27 -16.48
CA GLY A 193 -9.48 8.25 -15.84
C GLY A 193 -10.52 7.39 -16.51
N GLY A 194 -10.15 6.58 -17.51
CA GLY A 194 -11.13 5.82 -18.25
C GLY A 194 -11.69 4.60 -17.55
N TYR A 195 -10.97 4.06 -16.58
CA TYR A 195 -11.33 2.81 -15.92
C TYR A 195 -11.26 2.99 -14.41
N ILE A 196 -12.27 2.49 -13.70
CA ILE A 196 -12.46 2.76 -12.28
C ILE A 196 -12.72 1.45 -11.53
N PHE A 197 -12.03 1.24 -10.42
CA PHE A 197 -12.13 -0.02 -9.68
C PHE A 197 -12.39 0.25 -8.20
N TYR A 198 -13.27 -0.54 -7.60
CA TYR A 198 -13.53 -0.45 -6.17
C TYR A 198 -13.40 -1.82 -5.53
N SER A 199 -12.85 -1.83 -4.32
CA SER A 199 -13.08 -2.91 -3.40
C SER A 199 -14.58 -3.18 -3.25
N ASP A 200 -14.93 -4.44 -3.00
CA ASP A 200 -16.33 -4.74 -2.71
C ASP A 200 -16.78 -4.05 -1.43
N SER A 201 -15.86 -3.79 -0.50
CA SER A 201 -16.20 -3.24 0.80
C SER A 201 -16.59 -1.76 0.74
N VAL A 202 -16.40 -1.10 -0.40
CA VAL A 202 -16.81 0.29 -0.55
C VAL A 202 -17.68 0.51 -1.76
N GLN A 203 -17.94 -0.54 -2.55
CA GLN A 203 -18.63 -0.39 -3.81
C GLN A 203 -20.05 0.13 -3.60
N GLY A 204 -20.41 1.17 -4.35
CA GLY A 204 -21.69 1.81 -4.21
C GLY A 204 -21.73 2.90 -3.15
N ARG A 205 -20.78 2.89 -2.22
CA ARG A 205 -20.71 3.93 -1.21
C ARG A 205 -19.63 4.97 -1.50
N PHE A 206 -18.52 4.55 -2.09
CA PHE A 206 -17.39 5.43 -2.33
C PHE A 206 -17.30 5.73 -3.82
N THR A 207 -16.76 6.91 -4.13
CA THR A 207 -16.63 7.34 -5.52
C THR A 207 -15.27 7.99 -5.69
N ILE A 208 -14.46 7.41 -6.55
CA ILE A 208 -13.12 7.93 -6.80
C ILE A 208 -13.19 8.77 -8.05
N SER A 209 -12.41 9.84 -8.09
CA SER A 209 -12.38 10.64 -9.30
C SER A 209 -11.05 11.36 -9.37
N ARG A 210 -10.73 11.85 -10.55
CA ARG A 210 -9.48 12.57 -10.74
C ARG A 210 -9.71 13.68 -11.74
N ASP A 211 -8.83 14.67 -11.68
CA ASP A 211 -8.81 15.78 -12.62
C ASP A 211 -7.38 15.97 -13.07
N ASN A 212 -7.09 15.57 -14.32
CA ASN A 212 -5.73 15.64 -14.81
C ASN A 212 -5.33 17.06 -15.22
N ALA A 213 -6.28 18.00 -15.23
CA ALA A 213 -5.97 19.38 -15.56
C ALA A 213 -5.40 20.13 -14.35
N LYS A 214 -5.85 19.81 -13.14
CA LYS A 214 -5.34 20.46 -11.95
C LYS A 214 -4.59 19.51 -11.01
N ASN A 215 -4.34 18.28 -11.45
CA ASN A 215 -3.46 17.34 -10.76
C ASN A 215 -4.01 16.96 -9.38
N SER A 216 -5.27 16.56 -9.34
CA SER A 216 -5.90 16.23 -8.07
C SER A 216 -6.66 14.93 -8.18
N LEU A 217 -6.81 14.27 -7.02
CA LEU A 217 -7.49 13.00 -6.90
C LEU A 217 -8.41 13.06 -5.68
N HIS A 218 -9.63 12.54 -5.83
CA HIS A 218 -10.64 12.66 -4.80
C HIS A 218 -11.25 11.30 -4.48
N LEU A 219 -11.68 11.15 -3.23
CA LEU A 219 -12.47 10.00 -2.80
C LEU A 219 -13.68 10.54 -2.07
N GLN A 220 -14.84 10.42 -2.69
CA GLN A 220 -16.09 10.89 -2.11
C GLN A 220 -16.74 9.73 -1.38
N MET A 221 -16.88 9.87 -0.07
CA MET A 221 -17.29 8.78 0.81
C MET A 221 -18.71 9.00 1.30
N GLY A 222 -19.61 8.06 1.02
CA GLY A 222 -20.98 8.15 1.45
C GLY A 222 -21.36 6.97 2.34
N SER A 223 -22.47 7.14 3.05
CA SER A 223 -23.03 6.09 3.92
C SER A 223 -21.94 5.49 4.81
N LEU A 224 -21.14 6.39 5.40
CA LEU A 224 -20.01 5.94 6.19
C LEU A 224 -20.49 5.06 7.34
N ARG A 225 -19.70 4.04 7.65
CA ARG A 225 -19.95 3.12 8.74
C ARG A 225 -18.70 3.05 9.60
N SER A 226 -18.85 2.58 10.84
CA SER A 226 -17.71 2.54 11.74
C SER A 226 -16.55 1.76 11.13
N GLY A 227 -16.85 0.70 10.36
CA GLY A 227 -15.79 -0.04 9.70
C GLY A 227 -14.94 0.80 8.76
N ASP A 228 -15.42 1.98 8.36
CA ASP A 228 -14.67 2.84 7.46
C ASP A 228 -13.62 3.69 8.16
N THR A 229 -13.58 3.68 9.49
CA THR A 229 -12.61 4.48 10.22
C THR A 229 -11.20 3.99 9.93
N ALA A 230 -10.34 4.90 9.47
CA ALA A 230 -8.96 4.52 9.11
C ALA A 230 -8.15 5.77 8.84
N MET A 231 -6.84 5.59 8.75
CA MET A 231 -5.97 6.52 8.05
C MET A 231 -6.04 6.24 6.54
N TYR A 232 -6.27 7.27 5.74
CA TYR A 232 -6.52 7.13 4.30
C TYR A 232 -5.35 7.68 3.49
N TYR A 233 -4.82 6.87 2.57
CA TYR A 233 -3.64 7.21 1.78
C TYR A 233 -3.96 7.23 0.29
N CYS A 234 -3.65 8.33 -0.39
CA CYS A 234 -3.53 8.28 -1.84
C CYS A 234 -2.14 7.76 -2.20
N ALA A 235 -2.05 7.04 -3.31
CA ALA A 235 -0.79 6.41 -3.67
C ALA A 235 -0.73 6.20 -5.19
N ARG A 236 0.48 6.34 -5.73
CA ARG A 236 0.73 6.31 -7.17
C ARG A 236 1.13 4.90 -7.59
N GLN A 237 0.45 4.37 -8.59
CA GLN A 237 0.83 3.07 -9.11
C GLN A 237 2.09 3.22 -9.97
N GLY A 238 3.18 2.58 -9.55
CA GLY A 238 4.44 2.77 -10.22
C GLY A 238 4.57 1.93 -11.47
N PHE A 239 5.46 2.39 -12.36
CA PHE A 239 5.80 1.61 -13.55
C PHE A 239 7.16 2.08 -14.04
N GLY A 240 7.82 1.23 -14.79
CA GLY A 240 9.11 1.61 -15.32
C GLY A 240 9.24 1.28 -16.79
N ASN A 241 10.47 1.33 -17.31
CA ASN A 241 10.67 1.03 -18.71
C ASN A 241 10.42 -0.44 -19.03
N TYR A 242 10.29 -1.29 -18.01
CA TYR A 242 10.09 -2.72 -18.19
C TYR A 242 8.78 -3.21 -17.57
N GLY A 243 7.83 -2.31 -17.37
CA GLY A 243 6.48 -2.68 -17.02
C GLY A 243 6.05 -2.10 -15.68
N ASP A 244 4.75 -2.25 -15.42
CA ASP A 244 4.19 -1.80 -14.16
C ASP A 244 4.78 -2.61 -12.99
N TYR A 245 4.99 -1.94 -11.87
CA TYR A 245 5.49 -2.61 -10.67
C TYR A 245 4.45 -3.52 -10.06
N TYR A 246 3.17 -3.31 -10.36
CA TYR A 246 2.05 -3.82 -9.55
C TYR A 246 2.18 -3.40 -8.09
N ALA A 247 2.78 -2.23 -7.87
CA ALA A 247 3.01 -1.71 -6.53
C ALA A 247 2.93 -0.18 -6.60
N MET A 248 2.82 0.45 -5.42
CA MET A 248 2.65 1.89 -5.36
C MET A 248 3.88 2.53 -4.72
N ASP A 249 4.52 3.44 -5.46
CA ASP A 249 5.84 3.92 -5.10
C ASP A 249 5.84 5.28 -4.41
N TYR A 250 4.71 5.99 -4.40
CA TYR A 250 4.64 7.27 -3.69
C TYR A 250 3.28 7.40 -3.04
N TRP A 251 3.30 7.70 -1.75
CA TRP A 251 2.11 7.78 -0.93
C TRP A 251 2.02 9.16 -0.31
N GLY A 252 0.81 9.68 -0.19
CA GLY A 252 0.57 10.87 0.57
C GLY A 252 0.71 10.62 2.07
N GLN A 253 0.59 11.72 2.84
CA GLN A 253 0.82 11.64 4.27
C GLN A 253 -0.30 10.93 5.03
N GLY A 254 -1.49 10.81 4.45
CA GLY A 254 -2.53 10.11 5.19
C GLY A 254 -3.40 11.05 6.01
N THR A 255 -4.71 11.05 5.78
CA THR A 255 -5.63 11.80 6.59
C THR A 255 -6.57 10.86 7.33
N THR A 256 -6.88 11.23 8.55
CA THR A 256 -7.70 10.40 9.42
C THR A 256 -9.18 10.57 9.09
N VAL A 257 -9.91 9.46 9.15
CA VAL A 257 -11.35 9.46 9.03
C VAL A 257 -11.89 8.69 10.23
N THR A 258 -12.76 9.33 11.00
CA THR A 258 -13.31 8.77 12.23
C THR A 258 -14.83 8.75 12.10
N VAL A 259 -15.41 7.57 12.02
CA VAL A 259 -16.85 7.42 12.01
C VAL A 259 -17.32 7.28 13.45
N SER A 260 -18.23 8.16 13.85
CA SER A 260 -18.46 8.54 15.24
C SER A 260 -19.36 7.53 15.98
N SER A 261 -19.82 7.93 17.17
CA SER A 261 -20.85 7.27 17.99
C SER A 261 -21.04 5.78 17.77
#